data_6OVD
#
_entry.id   6OVD
#
_cell.length_a   54.666
_cell.length_b   87.237
_cell.length_c   122.597
_cell.angle_alpha   90.00
_cell.angle_beta   90.00
_cell.angle_gamma   90.00
#
_symmetry.space_group_name_H-M   'P 21 21 21'
#
loop_
_entity.id
_entity.type
_entity.pdbx_description
1 polymer 'Glutamate receptor ionotropic, NMDA 1'
2 polymer 'Glutamate receptor ionotropic, NMDA 2A'
3 non-polymer GLYCINE
4 non-polymer '(3S,5S)-5-[(2R)-2-amino-2-carboxyethyl]-1-(3-ethylphenyl)pyrazolidine-3-carboxylic acid'
5 water water
#
loop_
_entity_poly.entity_id
_entity_poly.type
_entity_poly.pdbx_seq_one_letter_code
_entity_poly.pdbx_strand_id
1 'polypeptide(L)'
;GMSTRLKIVTIHQEPFVYVKPTMSDGTCKEEFTVNGDPVKKVICTGPNDTSPGSPRHTVPQCCYGFCIDLLIKLARTMNF
TYEVHLVADGKFGTQERVNNSNKKEWNGMMGELLSGQADMIVAPLTINNERAQYIEFSKPFKYQGLTILVKKGTRITGIN
DPRLRNPSDKFIYATVKQSSVDIYFRRQVELSTMYRHMEKHNYESAAEAIQAVRDNKLHAFIWDSAVLEFEASQKCDLVT
TGELFFRSGFGIGMRKDSPWKQNVSLSILKSHENGFMEDLDKTWVRYQECDS
;
A
2 'polypeptide(L)'
;SDDNHLSIVTLEEAPFVIVEDIDPLTETCVRNTVPCRKFVKINNSTNEGMNVKKCCKGFCIDILKKLSRTVKFTYDLYLV
TNGKHGKKVNNVWNGMIGEVVYQRAVMAVGSLTINEERSEVVDFSVPFVETGISVMVSRGTQVTGLSDKKFQRPHDYSPP
FRFGTVPNGSTERNIRNNYPYMHQYMTRFNQRGVEDALVSLKTGKLDAFIYDAAVLNYKAGRDEGCKLVTIGSGYIFATT
GYGIALQKGSPWKRQIDLALLQFVGDGEMEELETLWLTGICHN
;
B
#
# COMPACT_ATOMS: atom_id res chain seq x y z
N THR A 4 2.03 32.38 -0.53
CA THR A 4 2.52 32.07 -1.88
C THR A 4 1.86 30.79 -2.41
N ARG A 5 1.75 30.69 -3.73
CA ARG A 5 1.13 29.53 -4.35
C ARG A 5 2.10 28.34 -4.31
N LEU A 6 1.55 27.16 -4.06
CA LEU A 6 2.36 25.95 -4.03
C LEU A 6 2.73 25.54 -5.45
N LYS A 7 4.00 25.24 -5.67
CA LYS A 7 4.50 24.86 -6.99
C LYS A 7 4.42 23.34 -7.11
N ILE A 8 3.44 22.86 -7.85
CA ILE A 8 3.23 21.42 -8.05
C ILE A 8 3.95 21.00 -9.32
N VAL A 9 4.81 19.99 -9.20
CA VAL A 9 5.41 19.34 -10.35
C VAL A 9 4.71 18.01 -10.55
N THR A 10 4.54 17.61 -11.80
CA THR A 10 3.94 16.31 -12.12
C THR A 10 4.57 15.82 -13.42
N ILE A 11 4.02 14.73 -13.95
CA ILE A 11 4.57 14.08 -15.13
C ILE A 11 3.43 13.44 -15.90
N HIS A 12 3.57 13.41 -17.23
CA HIS A 12 2.58 12.77 -18.08
C HIS A 12 2.60 11.26 -17.86
N GLN A 13 1.50 10.71 -17.35
CA GLN A 13 1.45 9.29 -17.05
C GLN A 13 -0.02 8.88 -16.91
N GLU A 14 -0.63 8.51 -18.02
CA GLU A 14 -2.02 8.07 -18.01
C GLU A 14 -2.13 6.74 -17.27
N PRO A 15 -3.23 6.50 -16.55
CA PRO A 15 -4.39 7.40 -16.41
C PRO A 15 -4.29 8.35 -15.21
N PHE A 16 -3.10 8.50 -14.65
CA PHE A 16 -2.95 9.37 -13.49
C PHE A 16 -2.83 10.84 -13.89
N VAL A 17 -2.18 11.13 -15.02
CA VAL A 17 -2.01 12.50 -15.50
C VAL A 17 -2.17 12.50 -17.01
N TYR A 18 -3.27 13.06 -17.50
CA TYR A 18 -3.43 13.32 -18.93
C TYR A 18 -2.95 14.72 -19.24
N VAL A 19 -2.33 14.89 -20.40
CA VAL A 19 -1.82 16.18 -20.84
C VAL A 19 -2.36 16.44 -22.24
N LYS A 20 -3.27 17.40 -22.36
CA LYS A 20 -3.90 17.75 -23.62
C LYS A 20 -3.69 19.23 -23.92
N PRO A 21 -3.65 19.60 -25.20
CA PRO A 21 -3.50 21.02 -25.54
C PRO A 21 -4.71 21.83 -25.13
N THR A 22 -4.46 23.09 -24.74
CA THR A 22 -5.54 24.01 -24.47
C THR A 22 -6.33 24.29 -25.74
N MET A 23 -7.52 24.87 -25.57
CA MET A 23 -8.25 25.37 -26.71
C MET A 23 -7.64 26.69 -27.17
N SER A 24 -8.25 27.30 -28.20
CA SER A 24 -7.66 28.50 -28.79
C SER A 24 -7.58 29.64 -27.78
N ASP A 25 -8.61 29.79 -26.94
CA ASP A 25 -8.65 30.85 -25.95
C ASP A 25 -7.91 30.51 -24.66
N GLY A 26 -7.05 29.49 -24.68
CA GLY A 26 -6.22 29.17 -23.54
C GLY A 26 -6.90 28.41 -22.43
N THR A 27 -8.19 28.08 -22.57
CA THR A 27 -8.90 27.31 -21.58
C THR A 27 -8.91 25.82 -21.96
N CYS A 28 -9.59 25.02 -21.14
CA CYS A 28 -9.63 23.57 -21.28
C CYS A 28 -11.01 23.16 -21.73
N LYS A 29 -11.06 22.23 -22.69
CA LYS A 29 -12.34 21.75 -23.21
C LYS A 29 -13.14 21.09 -22.09
N GLU A 30 -14.41 21.47 -21.97
CA GLU A 30 -15.27 20.92 -20.93
C GLU A 30 -15.66 19.49 -21.28
N GLU A 31 -15.55 18.58 -20.31
CA GLU A 31 -15.79 17.17 -20.54
C GLU A 31 -16.46 16.54 -19.33
N PHE A 32 -17.23 15.50 -19.59
CA PHE A 32 -17.80 14.66 -18.53
C PHE A 32 -17.42 13.21 -18.79
N THR A 33 -17.31 12.45 -17.71
CA THR A 33 -17.07 11.02 -17.85
C THR A 33 -18.29 10.35 -18.48
N VAL A 34 -18.11 9.09 -18.90
CA VAL A 34 -19.22 8.35 -19.49
C VAL A 34 -20.35 8.14 -18.49
N ASN A 35 -20.06 8.27 -17.19
CA ASN A 35 -21.06 8.13 -16.14
C ASN A 35 -21.64 9.46 -15.69
N GLY A 36 -21.25 10.57 -16.31
CA GLY A 36 -21.82 11.86 -16.00
C GLY A 36 -21.08 12.69 -14.98
N ASP A 37 -19.82 12.35 -14.68
CA ASP A 37 -19.08 13.18 -13.73
C ASP A 37 -18.25 14.22 -14.47
N PRO A 38 -18.22 15.46 -13.99
CA PRO A 38 -17.38 16.47 -14.63
C PRO A 38 -15.90 16.14 -14.51
N VAL A 39 -15.19 16.23 -15.62
CA VAL A 39 -13.75 15.99 -15.64
C VAL A 39 -13.06 17.30 -15.25
N LYS A 40 -12.52 17.35 -14.03
CA LYS A 40 -11.85 18.54 -13.55
C LYS A 40 -10.48 18.67 -14.22
N LYS A 41 -10.22 19.85 -14.79
CA LYS A 41 -8.99 20.10 -15.52
C LYS A 41 -8.31 21.35 -14.97
N VAL A 42 -6.99 21.30 -14.87
CA VAL A 42 -6.19 22.44 -14.44
C VAL A 42 -5.18 22.76 -15.53
N ILE A 43 -4.72 24.00 -15.53
CA ILE A 43 -3.68 24.45 -16.44
C ILE A 43 -2.33 23.97 -15.93
N CYS A 44 -1.57 23.30 -16.79
CA CYS A 44 -0.22 22.87 -16.48
C CYS A 44 0.73 23.39 -17.55
N THR A 45 1.74 24.14 -17.12
CA THR A 45 2.78 24.60 -18.03
C THR A 45 3.81 23.50 -18.23
N GLY A 46 4.33 23.39 -19.44
CA GLY A 46 5.28 22.36 -19.76
C GLY A 46 6.06 22.62 -21.04
N PRO A 47 7.12 21.83 -21.27
CA PRO A 47 7.97 21.94 -22.45
C PRO A 47 7.31 21.37 -23.71
N THR A 58 6.98 25.86 -20.97
CA THR A 58 7.05 26.98 -21.89
C THR A 58 5.71 27.23 -22.57
N VAL A 59 4.87 26.21 -22.63
CA VAL A 59 3.56 26.34 -23.25
C VAL A 59 2.49 25.83 -22.28
N PRO A 60 1.40 26.58 -22.08
CA PRO A 60 0.34 26.08 -21.20
C PRO A 60 -0.39 24.90 -21.84
N GLN A 61 -0.74 23.94 -20.99
CA GLN A 61 -1.53 22.79 -21.40
C GLN A 61 -2.55 22.49 -20.30
N CYS A 62 -3.42 21.53 -20.57
CA CYS A 62 -4.47 21.13 -19.66
C CYS A 62 -4.15 19.75 -19.10
N CYS A 63 -4.17 19.62 -17.77
CA CYS A 63 -3.87 18.37 -17.09
C CYS A 63 -5.09 17.90 -16.33
N TYR A 64 -5.33 16.60 -16.35
CA TYR A 64 -6.40 15.98 -15.58
C TYR A 64 -6.07 14.51 -15.37
N GLY A 65 -6.85 13.87 -14.51
CA GLY A 65 -6.69 12.45 -14.25
C GLY A 65 -6.69 12.15 -12.76
N PHE A 66 -6.26 10.93 -12.44
CA PHE A 66 -6.31 10.43 -11.07
C PHE A 66 -5.65 11.40 -10.09
N CYS A 67 -4.39 11.73 -10.32
CA CYS A 67 -3.61 12.54 -9.40
C CYS A 67 -4.05 14.01 -9.40
N ILE A 68 -4.54 14.50 -10.54
CA ILE A 68 -5.09 15.85 -10.57
C ILE A 68 -6.35 15.92 -9.71
N ASP A 69 -7.20 14.89 -9.77
CA ASP A 69 -8.34 14.84 -8.88
C ASP A 69 -7.88 14.81 -7.42
N LEU A 70 -6.79 14.09 -7.14
CA LEU A 70 -6.25 14.07 -5.79
C LEU A 70 -5.71 15.44 -5.39
N LEU A 71 -5.00 16.11 -6.31
CA LEU A 71 -4.46 17.43 -6.01
C LEU A 71 -5.57 18.42 -5.66
N ILE A 72 -6.68 18.39 -6.41
CA ILE A 72 -7.79 19.29 -6.14
C ILE A 72 -8.38 19.00 -4.76
N LYS A 73 -8.55 17.72 -4.43
CA LYS A 73 -9.08 17.37 -3.11
C LYS A 73 -8.16 17.83 -1.99
N LEU A 74 -6.85 17.67 -2.18
CA LEU A 74 -5.89 18.11 -1.16
C LEU A 74 -5.90 19.63 -1.02
N ALA A 75 -6.00 20.35 -2.12
CA ALA A 75 -5.95 21.81 -2.06
C ALA A 75 -7.14 22.37 -1.28
N ARG A 76 -8.33 21.84 -1.52
CA ARG A 76 -9.52 22.33 -0.82
C ARG A 76 -9.58 21.83 0.62
N THR A 77 -9.05 20.64 0.90
CA THR A 77 -9.07 20.11 2.26
C THR A 77 -8.19 20.95 3.17
N MET A 78 -6.97 21.25 2.73
CA MET A 78 -5.99 21.98 3.53
C MET A 78 -5.92 23.46 3.18
N ASN A 79 -6.79 23.93 2.29
CA ASN A 79 -6.93 25.35 1.97
C ASN A 79 -5.61 25.95 1.50
N PHE A 80 -5.14 25.46 0.35
CA PHE A 80 -3.99 26.06 -0.31
C PHE A 80 -4.26 26.18 -1.80
N THR A 81 -3.62 27.16 -2.43
CA THR A 81 -3.64 27.35 -3.87
C THR A 81 -2.34 26.85 -4.48
N TYR A 82 -2.37 26.60 -5.78
CA TYR A 82 -1.28 25.87 -6.42
C TYR A 82 -1.12 26.33 -7.86
N GLU A 83 0.04 26.00 -8.43
CA GLU A 83 0.30 26.11 -9.86
C GLU A 83 0.99 24.84 -10.31
N VAL A 84 0.51 24.24 -11.39
CA VAL A 84 1.00 22.95 -11.86
C VAL A 84 1.92 23.16 -13.05
N HIS A 85 3.07 22.49 -13.04
CA HIS A 85 3.95 22.44 -14.20
C HIS A 85 4.46 21.01 -14.38
N LEU A 86 4.75 20.66 -15.62
CA LEU A 86 5.31 19.35 -15.93
C LEU A 86 6.81 19.36 -15.70
N VAL A 87 7.34 18.20 -15.27
CA VAL A 87 8.76 18.10 -14.98
C VAL A 87 9.56 18.42 -16.23
N ALA A 88 10.60 19.24 -16.06
CA ALA A 88 11.29 19.80 -17.23
C ALA A 88 12.01 18.73 -18.03
N ASP A 89 12.64 17.76 -17.36
CA ASP A 89 13.40 16.73 -18.04
C ASP A 89 12.60 15.46 -18.30
N GLY A 90 11.32 15.43 -17.94
CA GLY A 90 10.45 14.33 -18.28
C GLY A 90 10.67 13.05 -17.50
N LYS A 91 11.42 13.10 -16.40
CA LYS A 91 11.77 11.90 -15.65
C LYS A 91 11.15 11.94 -14.26
N PHE A 92 11.05 10.76 -13.65
CA PHE A 92 10.57 10.64 -12.27
C PHE A 92 11.64 11.06 -11.28
N GLY A 93 12.85 10.50 -11.41
CA GLY A 93 13.95 10.94 -10.58
C GLY A 93 14.84 9.84 -10.03
N THR A 94 16.11 9.84 -10.44
CA THR A 94 17.14 9.00 -9.85
C THR A 94 18.32 9.87 -9.45
N GLN A 95 19.21 9.29 -8.65
CA GLN A 95 20.40 9.98 -8.17
C GLN A 95 21.59 9.59 -9.05
N GLU A 96 22.31 10.59 -9.54
CA GLU A 96 23.43 10.39 -10.43
C GLU A 96 24.67 11.10 -9.90
N ARG A 97 25.82 10.52 -10.20
CA ARG A 97 27.08 11.15 -9.83
C ARG A 97 27.33 12.37 -10.70
N VAL A 98 27.79 13.43 -10.07
CA VAL A 98 28.20 14.62 -10.80
C VAL A 98 29.61 14.40 -11.31
N ASN A 99 29.77 14.52 -12.63
CA ASN A 99 30.98 14.09 -13.31
C ASN A 99 32.17 14.94 -12.88
N ASN A 100 33.30 14.26 -12.67
CA ASN A 100 34.52 14.88 -12.15
C ASN A 100 34.21 15.65 -10.86
N SER A 101 33.38 15.06 -10.03
CA SER A 101 33.04 15.64 -8.74
C SER A 101 32.64 14.51 -7.80
N ASN A 102 32.37 14.88 -6.56
CA ASN A 102 31.94 14.00 -5.49
C ASN A 102 30.46 14.06 -5.26
N LYS A 103 29.87 15.21 -5.57
CA LYS A 103 28.47 15.41 -5.27
C LYS A 103 27.61 14.48 -6.10
N LYS A 104 26.47 14.12 -5.54
CA LYS A 104 25.41 13.45 -6.26
C LYS A 104 24.23 14.41 -6.37
N GLU A 105 23.47 14.27 -7.45
CA GLU A 105 22.30 15.10 -7.65
C GLU A 105 21.17 14.24 -8.20
N TRP A 106 19.95 14.62 -7.84
CA TRP A 106 18.76 13.94 -8.35
C TRP A 106 18.29 14.62 -9.64
N ASN A 107 17.82 13.82 -10.57
CA ASN A 107 17.18 14.32 -11.78
C ASN A 107 15.66 14.22 -11.60
N GLY A 108 14.93 14.46 -12.68
CA GLY A 108 13.50 14.28 -12.69
C GLY A 108 12.78 15.14 -11.67
N MET A 109 11.62 14.65 -11.23
CA MET A 109 10.83 15.39 -10.26
C MET A 109 11.52 15.44 -8.89
N MET A 110 12.32 14.43 -8.57
CA MET A 110 13.08 14.45 -7.32
C MET A 110 14.00 15.66 -7.25
N GLY A 111 14.75 15.91 -8.34
CA GLY A 111 15.65 17.05 -8.35
C GLY A 111 14.92 18.37 -8.23
N GLU A 112 13.79 18.51 -8.93
CA GLU A 112 13.02 19.75 -8.84
C GLU A 112 12.45 19.98 -7.45
N LEU A 113 12.06 18.90 -6.76
CA LEU A 113 11.57 19.06 -5.39
C LEU A 113 12.67 19.48 -4.44
N LEU A 114 13.86 18.89 -4.60
CA LEU A 114 15.00 19.24 -3.76
C LEU A 114 15.63 20.57 -4.17
N SER A 115 15.41 21.03 -5.40
CA SER A 115 15.97 22.30 -5.83
C SER A 115 15.13 23.48 -5.36
N GLY A 116 13.85 23.28 -5.11
CA GLY A 116 12.93 24.36 -4.87
C GLY A 116 12.11 24.75 -6.09
N GLN A 117 12.44 24.19 -7.26
CA GLN A 117 11.60 24.40 -8.44
C GLN A 117 10.19 23.89 -8.22
N ALA A 118 10.00 22.98 -7.27
CA ALA A 118 8.69 22.48 -6.90
C ALA A 118 8.60 22.37 -5.39
N ASP A 119 7.40 22.62 -4.86
CA ASP A 119 7.14 22.46 -3.44
C ASP A 119 6.52 21.11 -3.10
N MET A 120 6.00 20.40 -4.10
CA MET A 120 5.27 19.17 -3.86
C MET A 120 5.19 18.38 -5.16
N ILE A 121 5.45 17.08 -5.08
CA ILE A 121 5.33 16.19 -6.23
C ILE A 121 3.98 15.50 -6.14
N VAL A 122 3.14 15.71 -7.15
CA VAL A 122 1.83 15.05 -7.23
C VAL A 122 1.84 14.24 -8.53
N ALA A 123 2.19 12.96 -8.41
CA ALA A 123 2.37 12.10 -9.58
C ALA A 123 2.42 10.67 -9.08
N PRO A 124 2.35 9.68 -9.98
CA PRO A 124 2.58 8.30 -9.56
C PRO A 124 4.04 8.08 -9.15
N LEU A 125 4.43 8.66 -8.01
CA LEU A 125 5.80 8.65 -7.54
C LEU A 125 5.99 7.49 -6.56
N THR A 126 6.79 6.51 -6.95
CA THR A 126 6.97 5.31 -6.15
C THR A 126 7.76 5.63 -4.89
N ILE A 127 7.25 5.14 -3.74
CA ILE A 127 7.97 5.24 -2.49
C ILE A 127 9.07 4.17 -2.45
N ASN A 128 10.30 4.58 -2.17
CA ASN A 128 11.38 3.64 -1.96
C ASN A 128 12.36 4.22 -0.95
N ASN A 129 13.28 3.37 -0.49
CA ASN A 129 14.25 3.80 0.52
C ASN A 129 15.17 4.87 -0.04
N GLU A 130 15.56 4.75 -1.31
CA GLU A 130 16.51 5.70 -1.90
C GLU A 130 15.99 7.12 -1.82
N ARG A 131 14.75 7.35 -2.25
CA ARG A 131 14.19 8.69 -2.26
C ARG A 131 13.80 9.17 -0.86
N ALA A 132 13.36 8.24 0.01
CA ALA A 132 12.95 8.62 1.35
C ALA A 132 14.10 9.11 2.21
N GLN A 133 15.34 8.84 1.81
CA GLN A 133 16.48 9.38 2.53
C GLN A 133 16.53 10.90 2.45
N TYR A 134 15.98 11.47 1.38
CA TYR A 134 16.13 12.89 1.10
C TYR A 134 14.82 13.67 1.13
N ILE A 135 13.68 13.02 0.88
CA ILE A 135 12.39 13.69 0.89
C ILE A 135 11.45 12.94 1.81
N GLU A 136 10.32 13.58 2.12
CA GLU A 136 9.28 12.98 2.94
C GLU A 136 8.15 12.50 2.03
N PHE A 137 7.72 11.26 2.22
CA PHE A 137 6.62 10.69 1.46
C PHE A 137 5.36 10.72 2.30
N SER A 138 4.24 11.01 1.64
CA SER A 138 2.95 10.80 2.27
C SER A 138 2.70 9.31 2.47
N LYS A 139 1.65 8.98 3.21
CA LYS A 139 1.15 7.63 3.17
C LYS A 139 0.68 7.33 1.75
N PRO A 140 0.77 6.08 1.31
CA PRO A 140 0.47 5.77 -0.09
C PRO A 140 -0.98 6.10 -0.45
N PHE A 141 -1.16 6.83 -1.55
CA PHE A 141 -2.50 7.06 -2.07
C PHE A 141 -2.92 5.99 -3.06
N LYS A 142 -2.01 5.10 -3.47
CA LYS A 142 -2.34 4.03 -4.38
C LYS A 142 -1.37 2.87 -4.16
N TYR A 143 -1.92 1.69 -3.90
CA TYR A 143 -1.14 0.47 -3.75
C TYR A 143 -1.15 -0.30 -5.06
N GLN A 144 0.02 -0.70 -5.53
CA GLN A 144 0.12 -1.42 -6.80
C GLN A 144 1.43 -2.20 -6.80
N GLY A 145 2.02 -2.38 -7.97
CA GLY A 145 3.27 -3.08 -8.06
C GLY A 145 3.86 -3.03 -9.45
N LEU A 146 4.83 -3.92 -9.68
CA LEU A 146 5.51 -4.03 -10.96
C LEU A 146 4.98 -5.23 -11.73
N THR A 147 4.83 -5.08 -13.04
CA THR A 147 4.43 -6.17 -13.92
C THR A 147 5.12 -5.96 -15.26
N ILE A 148 4.81 -6.85 -16.21
CA ILE A 148 5.44 -6.86 -17.52
C ILE A 148 4.36 -6.70 -18.58
N LEU A 149 4.59 -5.80 -19.53
CA LEU A 149 3.68 -5.56 -20.64
C LEU A 149 4.31 -6.06 -21.93
N VAL A 150 3.56 -6.87 -22.68
CA VAL A 150 4.01 -7.40 -23.96
C VAL A 150 2.94 -7.12 -25.01
N LYS A 151 3.28 -7.42 -26.26
CA LYS A 151 2.32 -7.36 -27.35
C LYS A 151 1.61 -8.70 -27.46
N LYS A 152 0.31 -8.66 -27.76
CA LYS A 152 -0.46 -9.89 -27.92
C LYS A 152 0.17 -10.75 -29.00
N GLY A 153 0.58 -11.95 -28.62
CA GLY A 153 1.39 -12.83 -29.46
C GLY A 153 2.71 -13.21 -28.84
N THR A 154 3.20 -12.42 -27.88
CA THR A 154 4.41 -12.76 -27.14
C THR A 154 4.01 -13.57 -25.90
N ARG A 155 4.73 -14.67 -25.66
CA ARG A 155 4.41 -15.59 -24.57
C ARG A 155 5.64 -15.75 -23.68
N ILE A 156 5.54 -15.28 -22.44
CA ILE A 156 6.60 -15.40 -21.45
C ILE A 156 5.95 -15.72 -20.11
N THR A 157 6.71 -16.38 -19.22
CA THR A 157 6.12 -16.74 -17.93
C THR A 157 5.98 -15.53 -17.02
N GLY A 158 6.91 -14.60 -17.09
CA GLY A 158 6.87 -13.43 -16.24
C GLY A 158 8.30 -12.98 -15.92
N ILE A 159 8.50 -12.62 -14.65
CA ILE A 159 9.80 -12.11 -14.24
C ILE A 159 10.86 -13.20 -14.26
N ASN A 160 10.48 -14.44 -13.99
CA ASN A 160 11.44 -15.55 -13.97
C ASN A 160 11.36 -16.34 -15.28
N ASP A 161 11.57 -15.62 -16.38
CA ASP A 161 11.57 -16.25 -17.69
C ASP A 161 12.99 -16.43 -18.19
N PRO A 162 13.26 -17.59 -18.82
CA PRO A 162 14.56 -17.78 -19.49
C PRO A 162 14.87 -16.69 -20.49
N ARG A 163 13.86 -16.14 -21.17
CA ARG A 163 14.08 -15.05 -22.11
C ARG A 163 14.40 -13.75 -21.41
N LEU A 164 14.09 -13.62 -20.13
CA LEU A 164 14.48 -12.45 -19.34
C LEU A 164 15.65 -12.74 -18.41
N ARG A 165 15.74 -13.96 -17.87
CA ARG A 165 16.87 -14.31 -17.01
C ARG A 165 18.14 -14.56 -17.80
N ASN A 166 18.02 -15.05 -19.03
CA ASN A 166 19.16 -15.28 -19.92
C ASN A 166 18.99 -14.40 -21.15
N PRO A 167 19.20 -13.08 -21.00
CA PRO A 167 18.86 -12.17 -22.09
C PRO A 167 19.81 -12.28 -23.28
N SER A 168 19.33 -11.79 -24.41
CA SER A 168 20.13 -11.68 -25.63
C SER A 168 19.49 -10.58 -26.48
N ASP A 169 20.17 -10.24 -27.58
CA ASP A 169 19.64 -9.20 -28.45
C ASP A 169 18.43 -9.67 -29.26
N LYS A 170 17.98 -10.90 -29.06
CA LYS A 170 16.82 -11.42 -29.79
C LYS A 170 15.50 -11.10 -29.09
N PHE A 171 15.51 -10.94 -27.77
CA PHE A 171 14.32 -10.57 -27.01
C PHE A 171 14.64 -9.33 -26.19
N ILE A 172 14.19 -8.18 -26.65
CA ILE A 172 14.54 -6.90 -26.06
C ILE A 172 13.49 -6.51 -25.02
N TYR A 173 13.92 -6.36 -23.77
CA TYR A 173 13.06 -5.85 -22.72
C TYR A 173 13.78 -4.70 -22.01
N ALA A 174 12.99 -3.79 -21.44
CA ALA A 174 13.55 -2.60 -20.82
C ALA A 174 12.51 -1.98 -19.90
N THR A 175 12.86 -0.85 -19.31
CA THR A 175 11.94 -0.06 -18.50
C THR A 175 12.18 1.42 -18.86
N VAL A 176 11.73 2.32 -18.00
CA VAL A 176 11.92 3.75 -18.22
C VAL A 176 13.19 4.20 -17.52
N LYS A 177 14.01 4.98 -18.23
CA LYS A 177 15.23 5.51 -17.64
C LYS A 177 14.91 6.44 -16.48
N GLN A 178 15.79 6.44 -15.48
CA GLN A 178 15.72 7.35 -14.34
C GLN A 178 14.36 7.24 -13.64
N SER A 179 14.00 6.02 -13.27
CA SER A 179 12.72 5.75 -12.65
C SER A 179 12.92 4.81 -11.46
N SER A 180 11.82 4.53 -10.75
CA SER A 180 11.86 3.59 -9.64
C SER A 180 12.33 2.23 -10.11
N VAL A 181 11.86 1.79 -11.28
CA VAL A 181 12.21 0.47 -11.79
C VAL A 181 13.69 0.42 -12.17
N ASP A 182 14.22 1.52 -12.70
CA ASP A 182 15.65 1.59 -12.99
C ASP A 182 16.47 1.47 -11.70
N ILE A 183 16.01 2.12 -10.63
CA ILE A 183 16.66 1.97 -9.33
C ILE A 183 16.60 0.53 -8.86
N TYR A 184 15.44 -0.10 -9.00
CA TYR A 184 15.20 -1.42 -8.42
C TYR A 184 16.13 -2.46 -9.00
N PHE A 185 16.41 -2.40 -10.30
CA PHE A 185 17.19 -3.43 -10.95
C PHE A 185 18.69 -3.21 -10.87
N ARG A 186 19.13 -1.97 -10.57
CA ARG A 186 20.56 -1.70 -10.44
C ARG A 186 21.07 -1.95 -9.02
N ARG A 187 20.25 -1.71 -8.00
CA ARG A 187 20.69 -1.87 -6.63
C ARG A 187 20.82 -3.33 -6.22
N GLN A 188 20.13 -4.23 -6.90
CA GLN A 188 20.09 -5.64 -6.52
C GLN A 188 21.16 -6.41 -7.29
N VAL A 189 22.07 -7.06 -6.56
CA VAL A 189 23.09 -7.88 -7.21
C VAL A 189 22.48 -9.11 -7.88
N GLU A 190 21.31 -9.56 -7.41
CA GLU A 190 20.64 -10.69 -8.02
C GLU A 190 20.03 -10.37 -9.37
N LEU A 191 19.98 -9.08 -9.74
CA LEU A 191 19.41 -8.65 -11.01
C LEU A 191 20.45 -8.04 -11.94
N SER A 192 21.73 -8.30 -11.68
CA SER A 192 22.78 -7.64 -12.45
C SER A 192 22.77 -8.05 -13.91
N THR A 193 22.49 -9.33 -14.18
CA THR A 193 22.44 -9.80 -15.57
C THR A 193 21.27 -9.15 -16.31
N MET A 194 20.11 -9.08 -15.68
CA MET A 194 18.96 -8.45 -16.32
C MET A 194 19.18 -6.95 -16.52
N TYR A 195 19.78 -6.28 -15.54
CA TYR A 195 19.97 -4.84 -15.66
C TYR A 195 20.93 -4.49 -16.79
N ARG A 196 21.97 -5.32 -16.99
CA ARG A 196 22.90 -5.06 -18.09
C ARG A 196 22.17 -5.08 -19.43
N HIS A 197 21.24 -6.02 -19.62
CA HIS A 197 20.42 -6.02 -20.83
C HIS A 197 19.52 -4.79 -20.88
N MET A 198 19.03 -4.35 -19.72
CA MET A 198 18.02 -3.29 -19.70
C MET A 198 18.64 -1.92 -19.93
N GLU A 199 19.84 -1.68 -19.43
CA GLU A 199 20.42 -0.34 -19.51
C GLU A 199 20.72 0.09 -20.93
N LYS A 200 20.89 -0.85 -21.85
CA LYS A 200 21.12 -0.52 -23.26
C LYS A 200 19.83 -0.43 -24.06
N HIS A 201 18.67 -0.52 -23.41
CA HIS A 201 17.39 -0.47 -24.11
C HIS A 201 16.35 0.39 -23.42
N ASN A 202 16.63 0.91 -22.24
CA ASN A 202 15.62 1.65 -21.48
C ASN A 202 15.18 2.90 -22.26
N TYR A 203 13.90 3.23 -22.12
CA TYR A 203 13.29 4.31 -22.87
C TYR A 203 13.16 5.57 -22.02
N GLU A 204 13.03 6.70 -22.71
CA GLU A 204 12.93 7.99 -22.03
C GLU A 204 11.58 8.17 -21.34
N SER A 205 10.54 7.49 -21.80
CA SER A 205 9.20 7.68 -21.26
C SER A 205 8.43 6.37 -21.31
N ALA A 206 7.41 6.27 -20.46
CA ALA A 206 6.54 5.11 -20.49
C ALA A 206 5.75 5.06 -21.80
N ALA A 207 5.35 6.21 -22.32
CA ALA A 207 4.59 6.25 -23.57
C ALA A 207 5.45 5.76 -24.73
N GLU A 208 6.69 6.23 -24.82
CA GLU A 208 7.59 5.78 -25.88
C GLU A 208 7.83 4.28 -25.80
N ALA A 209 7.95 3.75 -24.57
CA ALA A 209 8.19 2.32 -24.41
C ALA A 209 6.95 1.51 -24.75
N ILE A 210 5.77 2.01 -24.36
CA ILE A 210 4.53 1.30 -24.66
C ILE A 210 4.29 1.25 -26.17
N GLN A 211 4.51 2.38 -26.86
CA GLN A 211 4.38 2.40 -28.31
C GLN A 211 5.43 1.51 -28.97
N ALA A 212 6.61 1.39 -28.35
CA ALA A 212 7.63 0.50 -28.89
C ALA A 212 7.20 -0.96 -28.82
N VAL A 213 6.48 -1.32 -27.76
CA VAL A 213 5.88 -2.66 -27.71
C VAL A 213 4.80 -2.80 -28.78
N ARG A 214 4.16 -1.69 -29.15
CA ARG A 214 3.18 -1.71 -30.22
C ARG A 214 3.80 -1.75 -31.60
N ASP A 215 5.04 -1.27 -31.74
CA ASP A 215 5.77 -1.34 -33.00
C ASP A 215 6.67 -2.58 -33.08
N ASN A 216 6.57 -3.47 -32.09
CA ASN A 216 7.35 -4.70 -32.01
C ASN A 216 8.85 -4.46 -31.93
N LYS A 217 9.27 -3.20 -31.72
CA LYS A 217 10.68 -2.93 -31.46
C LYS A 217 11.07 -3.36 -30.05
N LEU A 218 10.18 -3.14 -29.09
CA LEU A 218 10.34 -3.61 -27.72
C LEU A 218 9.47 -4.83 -27.51
N HIS A 219 10.02 -5.85 -26.85
CA HIS A 219 9.31 -7.11 -26.66
C HIS A 219 8.72 -7.27 -25.27
N ALA A 220 9.28 -6.61 -24.26
CA ALA A 220 8.70 -6.63 -22.93
C ALA A 220 9.00 -5.30 -22.24
N PHE A 221 8.06 -4.84 -21.42
CA PHE A 221 8.16 -3.56 -20.74
C PHE A 221 7.83 -3.77 -19.26
N ILE A 222 8.83 -3.60 -18.40
CA ILE A 222 8.65 -3.76 -16.97
C ILE A 222 8.32 -2.39 -16.37
N TRP A 223 7.12 -2.26 -15.81
CA TRP A 223 6.65 -0.95 -15.38
C TRP A 223 5.54 -1.13 -14.34
N ASP A 224 4.96 0.00 -13.94
CA ASP A 224 3.97 0.03 -12.87
C ASP A 224 2.67 -0.64 -13.31
N SER A 225 2.08 -1.42 -12.39
CA SER A 225 0.90 -2.20 -12.73
C SER A 225 -0.32 -1.31 -12.97
N ALA A 226 -0.49 -0.26 -12.17
CA ALA A 226 -1.64 0.62 -12.36
C ALA A 226 -1.61 1.31 -13.72
N VAL A 227 -0.44 1.41 -14.34
CA VAL A 227 -0.33 1.98 -15.68
C VAL A 227 -0.46 0.91 -16.75
N LEU A 228 0.29 -0.18 -16.61
CA LEU A 228 0.31 -1.21 -17.65
C LEU A 228 -1.05 -1.90 -17.77
N GLU A 229 -1.71 -2.16 -16.64
CA GLU A 229 -3.02 -2.81 -16.70
C GLU A 229 -4.06 -1.89 -17.33
N PHE A 230 -3.98 -0.59 -17.07
CA PHE A 230 -4.85 0.35 -17.76
C PHE A 230 -4.55 0.37 -19.26
N GLU A 231 -3.28 0.23 -19.63
CA GLU A 231 -2.91 0.23 -21.04
C GLU A 231 -3.46 -1.00 -21.76
N ALA A 232 -3.46 -2.15 -21.09
CA ALA A 232 -3.99 -3.36 -21.70
C ALA A 232 -5.49 -3.27 -21.90
N SER A 233 -6.21 -2.67 -20.94
CA SER A 233 -7.65 -2.56 -21.05
C SER A 233 -8.09 -1.58 -22.12
N GLN A 234 -7.20 -0.68 -22.56
CA GLN A 234 -7.51 0.28 -23.61
C GLN A 234 -6.98 -0.13 -24.97
N LYS A 235 -5.81 -0.75 -25.01
CA LYS A 235 -5.19 -1.20 -26.26
C LYS A 235 -5.10 -2.72 -26.20
N CYS A 236 -6.14 -3.39 -26.72
CA CYS A 236 -6.22 -4.84 -26.64
C CYS A 236 -5.14 -5.54 -27.45
N ASP A 237 -4.39 -4.82 -28.28
CA ASP A 237 -3.22 -5.44 -28.90
C ASP A 237 -2.04 -5.56 -27.93
N LEU A 238 -2.22 -5.14 -26.68
CA LEU A 238 -1.24 -5.30 -25.63
C LEU A 238 -1.83 -6.13 -24.50
N VAL A 239 -0.96 -6.70 -23.68
CA VAL A 239 -1.37 -7.58 -22.60
C VAL A 239 -0.25 -7.65 -21.58
N THR A 240 -0.62 -7.71 -20.30
CA THR A 240 0.35 -7.84 -19.23
C THR A 240 0.47 -9.31 -18.80
N THR A 241 1.48 -9.58 -17.98
CA THR A 241 1.69 -10.94 -17.49
C THR A 241 0.54 -11.39 -16.60
N GLY A 242 -0.13 -10.45 -15.93
CA GLY A 242 -1.08 -10.79 -14.89
C GLY A 242 -0.45 -11.12 -13.56
N GLU A 243 0.88 -11.04 -13.46
CA GLU A 243 1.61 -11.33 -12.25
C GLU A 243 2.16 -10.05 -11.66
N LEU A 244 2.18 -9.97 -10.33
CA LEU A 244 2.85 -8.90 -9.59
C LEU A 244 4.08 -9.51 -8.92
N PHE A 245 5.26 -9.20 -9.43
CA PHE A 245 6.49 -9.73 -8.87
C PHE A 245 7.13 -8.81 -7.83
N PHE A 246 6.63 -7.59 -7.69
CA PHE A 246 7.08 -6.68 -6.65
C PHE A 246 5.98 -5.66 -6.41
N ARG A 247 5.68 -5.37 -5.15
CA ARG A 247 4.61 -4.46 -4.78
C ARG A 247 5.17 -3.16 -4.23
N SER A 248 4.56 -2.05 -4.62
CA SER A 248 5.01 -0.73 -4.22
C SER A 248 3.83 0.22 -4.22
N GLY A 249 4.03 1.38 -3.61
CA GLY A 249 2.98 2.37 -3.50
C GLY A 249 3.42 3.72 -4.02
N PHE A 250 2.44 4.50 -4.48
CA PHE A 250 2.66 5.88 -4.87
C PHE A 250 2.40 6.79 -3.69
N GLY A 251 3.24 7.82 -3.53
CA GLY A 251 3.08 8.77 -2.46
C GLY A 251 3.33 10.18 -2.94
N ILE A 252 2.74 11.12 -2.21
CA ILE A 252 3.02 12.53 -2.45
C ILE A 252 4.41 12.85 -1.93
N GLY A 253 5.19 13.60 -2.72
CA GLY A 253 6.55 13.94 -2.37
C GLY A 253 6.65 15.38 -1.89
N MET A 254 7.27 15.56 -0.74
CA MET A 254 7.49 16.87 -0.15
C MET A 254 8.89 16.95 0.40
N ARG A 255 9.39 18.17 0.56
CA ARG A 255 10.70 18.37 1.15
C ARG A 255 10.68 18.04 2.64
N LYS A 256 11.87 17.78 3.17
CA LYS A 256 12.01 17.45 4.58
C LYS A 256 11.47 18.57 5.46
N ASP A 257 10.67 18.19 6.46
CA ASP A 257 10.08 19.13 7.41
C ASP A 257 9.22 20.19 6.73
N SER A 258 8.50 19.77 5.69
CA SER A 258 7.53 20.66 5.07
C SER A 258 6.33 20.85 6.00
N PRO A 259 5.71 22.03 6.00
CA PRO A 259 4.56 22.26 6.88
C PRO A 259 3.31 21.50 6.49
N TRP A 260 3.27 20.87 5.32
CA TRP A 260 2.08 20.19 4.84
C TRP A 260 2.13 18.67 4.99
N LYS A 261 3.27 18.11 5.42
CA LYS A 261 3.43 16.66 5.41
C LYS A 261 2.32 15.94 6.17
N GLN A 262 2.09 16.35 7.42
CA GLN A 262 1.18 15.62 8.29
C GLN A 262 -0.25 15.66 7.77
N ASN A 263 -0.71 16.84 7.36
CA ASN A 263 -2.09 16.97 6.89
C ASN A 263 -2.30 16.35 5.51
N VAL A 264 -1.25 16.24 4.70
CA VAL A 264 -1.37 15.53 3.43
C VAL A 264 -1.60 14.04 3.68
N SER A 265 -0.84 13.46 4.60
CA SER A 265 -0.99 12.04 4.92
C SER A 265 -2.34 11.77 5.56
N LEU A 266 -2.73 12.60 6.53
CA LEU A 266 -4.05 12.47 7.14
C LEU A 266 -5.15 12.62 6.10
N SER A 267 -4.99 13.55 5.16
CA SER A 267 -5.98 13.74 4.11
C SER A 267 -6.08 12.49 3.22
N ILE A 268 -4.95 11.88 2.90
CA ILE A 268 -4.95 10.71 2.03
C ILE A 268 -5.60 9.53 2.74
N LEU A 269 -5.21 9.29 3.99
CA LEU A 269 -5.83 8.23 4.79
C LEU A 269 -7.33 8.42 4.86
N LYS A 270 -7.78 9.66 5.10
CA LYS A 270 -9.20 9.95 5.13
C LYS A 270 -9.86 9.65 3.79
N SER A 271 -9.15 9.90 2.69
CA SER A 271 -9.72 9.69 1.36
C SER A 271 -9.89 8.20 1.07
N HIS A 272 -8.94 7.37 1.49
CA HIS A 272 -9.12 5.93 1.37
C HIS A 272 -10.35 5.46 2.15
N GLU A 273 -10.53 5.98 3.36
CA GLU A 273 -11.52 5.43 4.28
C GLU A 273 -12.95 5.86 3.94
N ASN A 274 -13.14 7.04 3.34
CA ASN A 274 -14.47 7.52 3.01
C ASN A 274 -14.88 7.21 1.58
N GLY A 275 -14.10 6.40 0.87
CA GLY A 275 -14.45 5.99 -0.47
C GLY A 275 -14.05 6.94 -1.58
N PHE A 276 -13.39 8.05 -1.26
CA PHE A 276 -12.97 8.97 -2.30
C PHE A 276 -11.98 8.31 -3.27
N MET A 277 -11.00 7.60 -2.73
CA MET A 277 -10.06 6.88 -3.59
C MET A 277 -10.77 5.77 -4.37
N GLU A 278 -11.80 5.16 -3.78
CA GLU A 278 -12.61 4.20 -4.52
C GLU A 278 -13.23 4.85 -5.75
N ASP A 279 -13.73 6.09 -5.60
CA ASP A 279 -14.28 6.81 -6.75
C ASP A 279 -13.21 7.10 -7.79
N LEU A 280 -12.02 7.52 -7.33
CA LEU A 280 -10.92 7.76 -8.27
C LEU A 280 -10.54 6.49 -9.01
N ASP A 281 -10.53 5.35 -8.32
CA ASP A 281 -10.19 4.09 -8.97
C ASP A 281 -11.20 3.72 -10.03
N LYS A 282 -12.50 3.82 -9.70
CA LYS A 282 -13.54 3.50 -10.67
C LYS A 282 -13.54 4.46 -11.84
N THR A 283 -13.18 5.73 -11.60
CA THR A 283 -13.21 6.72 -12.67
C THR A 283 -12.01 6.57 -13.61
N TRP A 284 -10.81 6.35 -13.06
CA TRP A 284 -9.58 6.47 -13.82
C TRP A 284 -8.86 5.15 -14.07
N VAL A 285 -8.91 4.22 -13.13
CA VAL A 285 -8.06 3.02 -13.17
C VAL A 285 -8.82 1.79 -13.66
N ARG A 286 -9.94 1.46 -13.01
CA ARG A 286 -10.70 0.27 -13.39
C ARG A 286 -11.46 0.49 -14.70
N ASP B 3 17.71 6.65 25.58
CA ASP B 3 18.11 5.28 25.84
C ASP B 3 17.76 4.37 24.66
N ASN B 4 18.43 3.22 24.58
CA ASN B 4 18.20 2.26 23.51
C ASN B 4 17.31 1.11 23.93
N HIS B 5 16.78 1.11 25.15
CA HIS B 5 15.87 0.09 25.63
C HIS B 5 14.44 0.62 25.52
N LEU B 6 13.57 -0.15 24.85
CA LEU B 6 12.26 0.33 24.46
C LEU B 6 11.17 -0.60 24.96
N SER B 7 10.17 -0.04 25.63
CA SER B 7 8.96 -0.79 25.93
C SER B 7 8.12 -0.90 24.66
N ILE B 8 7.77 -2.13 24.28
CA ILE B 8 7.07 -2.39 23.03
C ILE B 8 5.87 -3.29 23.33
N VAL B 9 4.70 -2.87 22.87
CA VAL B 9 3.46 -3.62 23.07
C VAL B 9 3.10 -4.35 21.79
N THR B 10 2.44 -5.50 21.93
CA THR B 10 1.99 -6.30 20.80
C THR B 10 0.64 -6.92 21.15
N LEU B 11 0.11 -7.69 20.20
CA LEU B 11 -1.22 -8.28 20.36
C LEU B 11 -1.28 -9.57 19.56
N GLU B 12 -1.81 -10.63 20.17
CA GLU B 12 -1.84 -11.92 19.51
C GLU B 12 -2.85 -11.93 18.37
N GLU B 13 -2.37 -12.26 17.17
CA GLU B 13 -3.23 -12.55 16.03
C GLU B 13 -2.42 -13.31 14.98
N ALA B 14 -2.57 -14.63 14.94
CA ALA B 14 -1.83 -15.44 13.98
C ALA B 14 -2.24 -15.05 12.57
N PRO B 15 -1.31 -15.12 11.59
CA PRO B 15 0.08 -15.57 11.75
C PRO B 15 1.05 -14.43 12.05
N PHE B 16 0.51 -13.25 12.31
CA PHE B 16 1.36 -12.07 12.51
C PHE B 16 2.01 -12.05 13.87
N VAL B 17 1.26 -12.38 14.92
CA VAL B 17 1.81 -12.56 16.26
C VAL B 17 1.21 -13.85 16.83
N ILE B 18 2.07 -14.79 17.19
CA ILE B 18 1.68 -16.07 17.75
C ILE B 18 2.29 -16.18 19.14
N VAL B 19 1.47 -16.57 20.12
CA VAL B 19 1.86 -16.59 21.52
C VAL B 19 1.89 -18.03 22.02
N GLU B 20 3.03 -18.44 22.58
CA GLU B 20 3.20 -19.76 23.16
C GLU B 20 3.68 -19.62 24.59
N ASP B 21 3.53 -20.70 25.35
CA ASP B 21 4.11 -20.76 26.69
C ASP B 21 5.61 -21.02 26.61
N ILE B 22 6.30 -20.70 27.70
CA ILE B 22 7.73 -21.00 27.77
C ILE B 22 7.92 -22.52 27.68
N ASP B 23 9.04 -22.92 27.07
CA ASP B 23 9.38 -24.32 26.99
C ASP B 23 9.47 -24.91 28.39
N PRO B 24 8.62 -25.88 28.74
CA PRO B 24 8.61 -26.38 30.13
C PRO B 24 9.95 -26.93 30.60
N LEU B 25 10.73 -27.53 29.70
CA LEU B 25 11.96 -28.19 30.11
C LEU B 25 13.02 -27.17 30.50
N THR B 26 13.32 -26.22 29.62
CA THR B 26 14.30 -25.18 29.92
C THR B 26 13.70 -23.98 30.65
N GLU B 27 12.37 -23.81 30.60
CA GLU B 27 11.70 -22.64 31.16
C GLU B 27 12.24 -21.34 30.58
N THR B 28 12.70 -21.40 29.33
CA THR B 28 13.07 -20.23 28.55
C THR B 28 12.37 -20.31 27.19
N CYS B 29 12.47 -19.22 26.44
CA CYS B 29 11.86 -19.15 25.13
C CYS B 29 12.78 -19.79 24.10
N VAL B 30 12.29 -20.80 23.39
CA VAL B 30 13.10 -21.54 22.42
C VAL B 30 13.43 -20.63 21.24
N ARG B 31 14.38 -21.06 20.41
CA ARG B 31 14.71 -20.32 19.21
C ARG B 31 13.49 -20.23 18.29
N ASN B 32 13.52 -19.22 17.40
CA ASN B 32 12.42 -18.82 16.52
C ASN B 32 11.48 -17.86 17.24
N THR B 33 11.56 -17.81 18.57
CA THR B 33 10.62 -17.06 19.39
CA THR B 33 10.61 -17.05 19.38
C THR B 33 11.36 -16.08 20.28
N VAL B 34 10.65 -15.02 20.68
CA VAL B 34 11.20 -13.99 21.58
C VAL B 34 10.35 -13.95 22.85
N PRO B 35 10.92 -13.53 23.98
CA PRO B 35 10.12 -13.46 25.21
C PRO B 35 9.10 -12.34 25.16
N CYS B 36 7.91 -12.63 25.68
CA CYS B 36 6.87 -11.64 25.86
C CYS B 36 6.14 -11.91 27.17
N ARG B 37 5.76 -10.84 27.85
CA ARG B 37 5.07 -10.95 29.13
C ARG B 37 3.63 -10.50 29.00
N LYS B 38 2.73 -11.24 29.64
CA LYS B 38 1.31 -10.91 29.70
C LYS B 38 0.90 -10.74 31.15
N PHE B 39 0.23 -9.64 31.43
CA PHE B 39 -0.36 -9.42 32.75
C PHE B 39 -1.66 -10.20 32.84
N VAL B 40 -1.71 -11.19 33.73
CA VAL B 40 -2.84 -12.10 33.84
C VAL B 40 -3.57 -11.82 35.15
N LYS B 41 -4.86 -11.53 35.04
CA LYS B 41 -5.65 -11.11 36.20
C LYS B 41 -5.90 -12.29 37.14
N ILE B 42 -6.03 -11.98 38.43
CA ILE B 42 -6.42 -12.98 39.41
C ILE B 42 -7.87 -13.37 39.22
N ASN B 43 -8.75 -12.37 39.11
CA ASN B 43 -10.14 -12.60 38.77
C ASN B 43 -10.68 -11.33 38.10
N ASN B 44 -11.90 -11.42 37.60
CA ASN B 44 -12.56 -10.29 36.95
C ASN B 44 -13.06 -9.24 37.94
N SER B 45 -12.82 -9.43 39.22
CA SER B 45 -13.19 -8.48 40.25
C SER B 45 -11.95 -7.92 40.96
N THR B 46 -10.92 -7.57 40.18
CA THR B 46 -9.73 -6.95 40.75
C THR B 46 -8.80 -6.48 39.64
N ASN B 47 -8.00 -5.47 39.97
CA ASN B 47 -6.86 -5.10 39.15
C ASN B 47 -5.61 -5.88 39.50
N GLU B 48 -5.64 -6.64 40.60
CA GLU B 48 -4.54 -7.51 40.95
C GLU B 48 -4.28 -8.52 39.84
N GLY B 49 -3.01 -8.83 39.63
CA GLY B 49 -2.65 -9.79 38.61
C GLY B 49 -1.20 -10.16 38.72
N MET B 50 -0.77 -11.03 37.81
CA MET B 50 0.59 -11.56 37.80
C MET B 50 1.14 -11.48 36.38
N ASN B 51 2.34 -10.91 36.24
CA ASN B 51 3.02 -10.92 34.96
C ASN B 51 3.51 -12.33 34.67
N VAL B 52 3.04 -12.91 33.57
CA VAL B 52 3.39 -14.27 33.18
C VAL B 52 4.32 -14.20 31.97
N LYS B 53 5.40 -14.97 32.03
CA LYS B 53 6.34 -15.04 30.91
C LYS B 53 5.77 -15.94 29.83
N LYS B 54 5.65 -15.40 28.62
CA LYS B 54 5.23 -16.16 27.45
C LYS B 54 6.25 -15.94 26.34
N CYS B 55 6.00 -16.55 25.19
CA CYS B 55 6.95 -16.59 24.09
C CYS B 55 6.21 -16.27 22.80
N CYS B 56 6.68 -15.25 22.09
CA CYS B 56 5.99 -14.72 20.93
C CYS B 56 6.79 -14.93 19.65
N LYS B 57 6.07 -15.18 18.56
CA LYS B 57 6.68 -15.39 17.25
C LYS B 57 5.68 -14.97 16.18
N GLY B 58 6.13 -14.97 14.93
CA GLY B 58 5.24 -14.70 13.83
C GLY B 58 5.82 -13.67 12.87
N PHE B 59 4.99 -13.27 11.91
CA PHE B 59 5.43 -12.40 10.83
C PHE B 59 5.98 -11.08 11.36
N CYS B 60 5.21 -10.42 12.24
CA CYS B 60 5.60 -9.11 12.76
C CYS B 60 6.67 -9.21 13.83
N ILE B 61 6.75 -10.34 14.54
CA ILE B 61 7.85 -10.55 15.46
C ILE B 61 9.18 -10.62 14.71
N ASP B 62 9.18 -11.28 13.55
CA ASP B 62 10.38 -11.30 12.72
C ASP B 62 10.71 -9.91 12.19
N ILE B 63 9.69 -9.06 11.99
CA ILE B 63 9.94 -7.67 11.65
C ILE B 63 10.64 -6.97 12.81
N LEU B 64 10.15 -7.20 14.03
CA LEU B 64 10.73 -6.57 15.21
C LEU B 64 12.20 -6.96 15.37
N LYS B 65 12.52 -8.23 15.14
CA LYS B 65 13.90 -8.67 15.23
C LYS B 65 14.79 -7.96 14.21
N LYS B 66 14.30 -7.85 12.97
CA LYS B 66 15.05 -7.14 11.94
C LYS B 66 15.23 -5.67 12.32
N LEU B 67 14.15 -5.03 12.78
CA LEU B 67 14.23 -3.63 13.18
C LEU B 67 15.21 -3.43 14.33
N SER B 68 15.15 -4.31 15.34
CA SER B 68 16.06 -4.19 16.47
C SER B 68 17.52 -4.38 16.04
N ARG B 69 17.76 -5.29 15.10
CA ARG B 69 19.11 -5.49 14.59
C ARG B 69 19.55 -4.30 13.74
N THR B 70 18.68 -3.83 12.85
CA THR B 70 19.05 -2.79 11.91
C THR B 70 19.12 -1.41 12.58
N VAL B 71 18.06 -1.04 13.31
CA VAL B 71 18.02 0.27 13.97
C VAL B 71 18.82 0.28 15.26
N LYS B 72 19.25 -0.89 15.74
CA LYS B 72 20.09 -1.02 16.93
C LYS B 72 19.39 -0.52 18.19
N PHE B 73 18.44 -1.32 18.69
CA PHE B 73 17.80 -1.06 19.97
C PHE B 73 17.41 -2.40 20.58
N THR B 74 17.27 -2.41 21.91
CA THR B 74 16.74 -3.55 22.64
C THR B 74 15.36 -3.20 23.17
N TYR B 75 14.61 -4.23 23.58
CA TYR B 75 13.22 -4.00 23.92
C TYR B 75 12.73 -5.00 24.96
N ASP B 76 11.69 -4.58 25.69
CA ASP B 76 10.85 -5.46 26.48
C ASP B 76 9.50 -5.55 25.78
N LEU B 77 9.15 -6.75 25.30
CA LEU B 77 7.90 -6.96 24.59
C LEU B 77 6.84 -7.48 25.55
N TYR B 78 5.63 -6.90 25.47
CA TYR B 78 4.53 -7.31 26.32
C TYR B 78 3.22 -7.25 25.54
N LEU B 79 2.29 -8.14 25.92
CA LEU B 79 1.00 -8.23 25.27
C LEU B 79 0.02 -7.25 25.91
N VAL B 80 -0.78 -6.59 25.07
CA VAL B 80 -1.83 -5.71 25.59
C VAL B 80 -2.91 -6.56 26.25
N THR B 81 -3.49 -6.04 27.33
CA THR B 81 -4.51 -6.77 28.07
C THR B 81 -5.85 -6.04 28.14
N ASN B 82 -5.89 -4.74 27.92
CA ASN B 82 -7.14 -3.98 27.90
C ASN B 82 -7.40 -3.55 26.47
N GLY B 83 -8.33 -4.23 25.82
CA GLY B 83 -8.63 -3.98 24.42
C GLY B 83 -7.78 -4.82 23.49
N LYS B 84 -7.87 -4.49 22.20
CA LYS B 84 -7.13 -5.23 21.19
C LYS B 84 -6.20 -4.32 20.40
N HIS B 85 -6.57 -3.99 19.17
CA HIS B 85 -5.73 -3.14 18.34
C HIS B 85 -5.73 -1.70 18.84
N GLY B 86 -6.91 -1.13 19.01
CA GLY B 86 -7.03 0.25 19.46
C GLY B 86 -8.37 0.85 19.13
N LYS B 87 -9.14 1.19 20.17
CA LYS B 87 -10.44 1.80 20.01
C LYS B 87 -10.57 2.97 20.96
N LYS B 88 -11.18 4.05 20.47
CA LYS B 88 -11.43 5.24 21.28
C LYS B 88 -12.82 5.11 21.90
N VAL B 89 -12.85 4.78 23.19
CA VAL B 89 -14.10 4.61 23.93
C VAL B 89 -14.30 5.84 24.79
N ASN B 90 -15.34 6.62 24.47
CA ASN B 90 -15.62 7.88 25.16
C ASN B 90 -14.38 8.77 25.18
N ASN B 91 -13.70 8.83 24.04
CA ASN B 91 -12.49 9.64 23.83
C ASN B 91 -11.28 9.13 24.61
N VAL B 92 -11.31 7.88 25.09
CA VAL B 92 -10.18 7.28 25.79
C VAL B 92 -9.76 6.03 25.03
N TRP B 93 -8.50 5.98 24.62
CA TRP B 93 -8.00 4.89 23.81
C TRP B 93 -7.73 3.65 24.65
N ASN B 94 -8.01 2.48 24.08
CA ASN B 94 -7.60 1.21 24.66
C ASN B 94 -6.66 0.51 23.68
N GLY B 95 -6.40 -0.77 23.93
CA GLY B 95 -5.60 -1.56 23.02
C GLY B 95 -4.17 -1.06 22.89
N MET B 96 -3.54 -1.50 21.80
CA MET B 96 -2.14 -1.14 21.55
C MET B 96 -1.98 0.37 21.37
N ILE B 97 -2.94 1.01 20.69
CA ILE B 97 -2.89 2.45 20.52
C ILE B 97 -2.90 3.15 21.88
N GLY B 98 -3.76 2.66 22.80
CA GLY B 98 -3.79 3.24 24.13
C GLY B 98 -2.47 3.13 24.86
N GLU B 99 -1.79 1.99 24.70
CA GLU B 99 -0.48 1.82 25.32
C GLU B 99 0.53 2.82 24.79
N VAL B 100 0.39 3.20 23.52
CA VAL B 100 1.33 4.15 22.92
C VAL B 100 0.98 5.58 23.32
N VAL B 101 -0.29 5.96 23.19
CA VAL B 101 -0.70 7.35 23.42
C VAL B 101 -0.43 7.76 24.86
N TYR B 102 -0.64 6.84 25.80
CA TYR B 102 -0.45 7.13 27.21
C TYR B 102 0.93 6.73 27.71
N GLN B 103 1.87 6.47 26.79
CA GLN B 103 3.30 6.42 27.04
C GLN B 103 3.74 5.23 27.89
N ARG B 104 2.92 4.17 27.96
CA ARG B 104 3.40 2.93 28.56
C ARG B 104 4.23 2.11 27.58
N ALA B 105 4.11 2.40 26.28
CA ALA B 105 4.94 1.79 25.26
C ALA B 105 5.36 2.87 24.27
N VAL B 106 6.59 2.74 23.76
CA VAL B 106 7.07 3.65 22.72
C VAL B 106 6.84 3.08 21.33
N MET B 107 6.34 1.86 21.21
CA MET B 107 6.22 1.18 19.93
C MET B 107 5.19 0.07 20.04
N ALA B 108 4.35 -0.04 19.02
CA ALA B 108 3.35 -1.10 18.92
C ALA B 108 3.63 -1.90 17.65
N VAL B 109 3.86 -3.20 17.80
CA VAL B 109 4.19 -4.08 16.69
C VAL B 109 3.12 -5.16 16.60
N GLY B 110 2.50 -5.28 15.43
CA GLY B 110 1.50 -6.31 15.22
C GLY B 110 0.64 -5.98 14.01
N SER B 111 -0.50 -6.67 13.95
CA SER B 111 -1.47 -6.48 12.87
C SER B 111 -2.28 -5.20 13.08
N LEU B 112 -1.56 -4.08 13.14
CA LEU B 112 -2.12 -2.79 13.52
C LEU B 112 -2.39 -1.98 12.25
N THR B 113 -3.67 -1.75 11.94
CA THR B 113 -4.06 -1.07 10.72
C THR B 113 -3.87 0.44 10.85
N ILE B 114 -3.25 1.04 9.83
CA ILE B 114 -3.11 2.48 9.78
C ILE B 114 -4.44 3.10 9.38
N ASN B 115 -4.89 4.09 10.16
CA ASN B 115 -6.07 4.86 9.78
C ASN B 115 -5.89 6.30 10.25
N GLU B 116 -6.80 7.18 9.80
CA GLU B 116 -6.67 8.60 10.09
C GLU B 116 -6.86 8.89 11.57
N GLU B 117 -7.86 8.26 12.20
CA GLU B 117 -8.16 8.54 13.61
C GLU B 117 -6.95 8.26 14.48
N ARG B 118 -6.30 7.10 14.29
CA ARG B 118 -5.13 6.77 15.09
C ARG B 118 -3.94 7.65 14.74
N SER B 119 -3.83 8.06 13.47
CA SER B 119 -2.69 8.88 13.05
C SER B 119 -2.72 10.28 13.64
N GLU B 120 -3.84 10.72 14.21
CA GLU B 120 -3.89 12.00 14.89
C GLU B 120 -3.34 11.95 16.31
N VAL B 121 -3.13 10.74 16.86
CA VAL B 121 -2.62 10.59 18.21
C VAL B 121 -1.35 9.77 18.28
N VAL B 122 -0.98 9.06 17.21
CA VAL B 122 0.30 8.36 17.12
C VAL B 122 0.91 8.60 15.75
N ASP B 123 2.21 8.40 15.66
CA ASP B 123 2.90 8.36 14.39
C ASP B 123 2.95 6.92 13.89
N PHE B 124 2.68 6.74 12.61
CA PHE B 124 2.72 5.43 11.98
C PHE B 124 3.92 5.32 11.06
N SER B 125 4.60 4.18 11.11
CA SER B 125 5.63 3.90 10.14
C SER B 125 5.02 3.76 8.75
N VAL B 126 5.88 3.59 7.75
CA VAL B 126 5.41 3.23 6.42
C VAL B 126 4.72 1.89 6.56
N PRO B 127 3.69 1.60 5.77
CA PRO B 127 3.05 0.27 5.85
C PRO B 127 4.02 -0.81 5.40
N PHE B 128 4.05 -1.92 6.15
CA PHE B 128 4.91 -3.03 5.79
C PHE B 128 4.18 -4.20 5.16
N VAL B 129 2.87 -4.29 5.33
CA VAL B 129 2.02 -5.16 4.51
C VAL B 129 0.75 -4.40 4.18
N GLU B 130 0.18 -4.69 3.02
CA GLU B 130 -1.05 -4.04 2.60
C GLU B 130 -2.26 -4.76 3.16
N THR B 131 -3.31 -3.99 3.42
CA THR B 131 -4.58 -4.56 3.85
C THR B 131 -5.68 -3.56 3.49
N GLY B 132 -6.84 -3.74 4.06
CA GLY B 132 -8.03 -3.00 3.69
C GLY B 132 -9.23 -3.89 3.86
N ILE B 133 -10.34 -3.47 3.26
CA ILE B 133 -11.57 -4.23 3.30
C ILE B 133 -11.64 -5.08 2.03
N SER B 134 -11.60 -6.40 2.20
CA SER B 134 -11.71 -7.35 1.11
C SER B 134 -12.91 -8.27 1.34
N VAL B 135 -13.19 -9.12 0.37
CA VAL B 135 -14.35 -10.00 0.40
C VAL B 135 -13.88 -11.43 0.11
N MET B 136 -14.34 -12.37 0.92
CA MET B 136 -14.08 -13.79 0.71
C MET B 136 -15.38 -14.50 0.37
N VAL B 137 -15.34 -15.33 -0.67
CA VAL B 137 -16.51 -16.09 -1.12
C VAL B 137 -16.08 -17.52 -1.40
N SER B 138 -17.06 -18.40 -1.56
CA SER B 138 -16.78 -19.73 -2.04
C SER B 138 -16.45 -19.67 -3.53
N ARG B 139 -15.55 -20.56 -3.96
CA ARG B 139 -15.12 -20.57 -5.35
C ARG B 139 -16.31 -20.73 -6.28
N GLY B 140 -16.41 -19.85 -7.27
CA GLY B 140 -17.51 -19.82 -8.19
C GLY B 140 -18.42 -18.61 -8.04
N THR B 141 -18.43 -17.98 -6.86
CA THR B 141 -19.25 -16.80 -6.64
C THR B 141 -18.61 -15.58 -7.28
N GLN B 142 -19.43 -14.80 -7.99
CA GLN B 142 -18.96 -13.65 -8.75
C GLN B 142 -19.33 -12.37 -8.02
N VAL B 143 -18.33 -11.66 -7.50
CA VAL B 143 -18.52 -10.37 -6.87
C VAL B 143 -17.24 -9.57 -7.03
N THR B 144 -17.38 -8.25 -7.10
CA THR B 144 -16.24 -7.38 -7.38
C THR B 144 -15.54 -6.91 -6.11
N GLY B 145 -16.30 -6.43 -5.13
CA GLY B 145 -15.70 -5.93 -3.91
C GLY B 145 -16.77 -5.32 -3.02
N LEU B 146 -16.31 -4.58 -2.01
CA LEU B 146 -17.23 -3.99 -1.04
C LEU B 146 -18.25 -3.10 -1.72
N SER B 147 -17.84 -2.36 -2.75
CA SER B 147 -18.72 -1.42 -3.44
C SER B 147 -19.61 -2.09 -4.48
N ASP B 148 -19.60 -3.41 -4.58
CA ASP B 148 -20.47 -4.10 -5.52
C ASP B 148 -21.93 -3.80 -5.19
N LYS B 149 -22.72 -3.56 -6.23
CA LYS B 149 -24.14 -3.29 -6.03
C LYS B 149 -24.86 -4.45 -5.38
N LYS B 150 -24.34 -5.67 -5.51
CA LYS B 150 -24.90 -6.80 -4.81
C LYS B 150 -24.75 -6.68 -3.30
N PHE B 151 -23.81 -5.86 -2.83
CA PHE B 151 -23.68 -5.54 -1.41
C PHE B 151 -24.37 -4.23 -1.06
N GLN B 152 -24.26 -3.22 -1.91
CA GLN B 152 -24.87 -1.92 -1.62
C GLN B 152 -26.38 -2.00 -1.62
N ARG B 153 -26.97 -2.63 -2.64
CA ARG B 153 -28.41 -2.79 -2.76
C ARG B 153 -28.72 -4.28 -2.77
N PRO B 154 -28.71 -4.92 -1.60
CA PRO B 154 -28.85 -6.39 -1.56
C PRO B 154 -30.19 -6.88 -2.08
N HIS B 155 -31.26 -6.10 -1.91
CA HIS B 155 -32.60 -6.53 -2.30
C HIS B 155 -32.92 -6.22 -3.74
N ASP B 156 -31.96 -5.73 -4.52
CA ASP B 156 -32.09 -5.67 -5.97
C ASP B 156 -31.87 -7.02 -6.63
N TYR B 157 -31.62 -8.06 -5.84
CA TYR B 157 -31.29 -9.38 -6.34
C TYR B 157 -32.10 -10.43 -5.59
N SER B 158 -32.47 -11.50 -6.29
CA SER B 158 -33.24 -12.59 -5.71
C SER B 158 -32.53 -13.90 -6.05
N PRO B 159 -32.03 -14.65 -5.05
CA PRO B 159 -32.08 -14.28 -3.64
C PRO B 159 -30.99 -13.29 -3.25
N PRO B 160 -31.21 -12.51 -2.19
CA PRO B 160 -30.18 -11.55 -1.76
C PRO B 160 -28.98 -12.27 -1.18
N PHE B 161 -27.82 -11.65 -1.34
CA PHE B 161 -26.59 -12.21 -0.79
C PHE B 161 -26.69 -12.30 0.73
N ARG B 162 -26.21 -13.42 1.27
CA ARG B 162 -26.03 -13.59 2.71
C ARG B 162 -24.57 -13.28 3.01
N PHE B 163 -24.31 -12.08 3.50
CA PHE B 163 -22.94 -11.65 3.76
C PHE B 163 -22.88 -10.88 5.07
N GLY B 164 -21.71 -10.90 5.70
CA GLY B 164 -21.54 -10.21 6.96
C GLY B 164 -20.08 -10.07 7.32
N THR B 165 -19.85 -9.54 8.51
CA THR B 165 -18.52 -9.34 9.06
C THR B 165 -18.55 -9.71 10.53
N VAL B 166 -17.40 -9.60 11.18
CA VAL B 166 -17.32 -9.68 12.64
C VAL B 166 -17.56 -8.27 13.19
N PRO B 167 -18.62 -8.05 13.95
CA PRO B 167 -18.96 -6.68 14.36
C PRO B 167 -18.01 -6.10 15.38
N ASN B 168 -18.22 -4.82 15.71
CA ASN B 168 -17.52 -4.07 16.76
C ASN B 168 -16.08 -3.73 16.39
N GLY B 169 -15.67 -3.92 15.15
CA GLY B 169 -14.31 -3.61 14.75
C GLY B 169 -14.22 -2.51 13.71
N SER B 170 -13.04 -2.35 13.10
CA SER B 170 -12.86 -1.28 12.11
C SER B 170 -13.67 -1.52 10.85
N THR B 171 -13.91 -2.79 10.50
CA THR B 171 -14.67 -3.08 9.28
C THR B 171 -16.11 -2.62 9.41
N GLU B 172 -16.77 -2.97 10.51
CA GLU B 172 -18.16 -2.55 10.71
C GLU B 172 -18.26 -1.03 10.77
N ARG B 173 -17.33 -0.38 11.47
CA ARG B 173 -17.36 1.08 11.58
C ARG B 173 -17.24 1.74 10.20
N ASN B 174 -16.39 1.18 9.34
CA ASN B 174 -16.21 1.77 8.01
C ASN B 174 -17.47 1.60 7.16
N ILE B 175 -18.04 0.40 7.14
CA ILE B 175 -19.25 0.15 6.36
C ILE B 175 -20.41 1.00 6.88
N ARG B 176 -20.50 1.15 8.20
CA ARG B 176 -21.55 1.96 8.79
C ARG B 176 -21.50 3.40 8.29
N ASN B 177 -20.30 3.93 8.09
CA ASN B 177 -20.16 5.31 7.64
C ASN B 177 -20.33 5.44 6.13
N ASN B 178 -19.87 4.46 5.37
CA ASN B 178 -19.85 4.57 3.91
C ASN B 178 -21.12 4.05 3.24
N TYR B 179 -21.64 2.92 3.72
CA TYR B 179 -22.80 2.26 3.11
C TYR B 179 -23.81 1.95 4.20
N PRO B 180 -24.62 2.93 4.59
CA PRO B 180 -25.51 2.73 5.74
C PRO B 180 -26.52 1.61 5.56
N TYR B 181 -27.15 1.49 4.39
CA TYR B 181 -28.12 0.41 4.22
C TYR B 181 -27.44 -0.94 4.21
N MET B 182 -26.29 -1.05 3.53
CA MET B 182 -25.54 -2.30 3.56
C MET B 182 -25.23 -2.72 4.98
N HIS B 183 -24.85 -1.77 5.83
CA HIS B 183 -24.61 -2.08 7.23
C HIS B 183 -25.88 -2.57 7.92
N GLN B 184 -26.99 -1.84 7.73
CA GLN B 184 -28.26 -2.26 8.31
C GLN B 184 -28.63 -3.66 7.88
N TYR B 185 -28.39 -4.00 6.61
CA TYR B 185 -28.75 -5.31 6.10
C TYR B 185 -27.87 -6.40 6.67
N MET B 186 -26.56 -6.17 6.70
CA MET B 186 -25.61 -7.26 6.99
C MET B 186 -25.49 -7.58 8.46
N THR B 187 -26.07 -6.79 9.36
CA THR B 187 -25.98 -7.10 10.79
C THR B 187 -26.70 -8.38 11.15
N ARG B 188 -27.67 -8.81 10.34
CA ARG B 188 -28.33 -10.09 10.59
C ARG B 188 -27.41 -11.27 10.33
N PHE B 189 -26.29 -11.06 9.64
CA PHE B 189 -25.33 -12.11 9.36
C PHE B 189 -24.01 -11.88 10.09
N ASN B 190 -24.04 -11.15 11.21
CA ASN B 190 -22.86 -10.95 12.03
C ASN B 190 -22.24 -12.28 12.42
N GLN B 191 -20.92 -12.36 12.31
CA GLN B 191 -20.17 -13.56 12.65
C GLN B 191 -19.45 -13.34 13.98
N ARG B 192 -19.44 -14.38 14.82
CA ARG B 192 -18.78 -14.26 16.11
C ARG B 192 -17.27 -14.17 15.97
N GLY B 193 -16.71 -14.75 14.92
CA GLY B 193 -15.27 -14.70 14.70
C GLY B 193 -14.94 -15.12 13.29
N VAL B 194 -13.64 -15.00 12.96
CA VAL B 194 -13.17 -15.36 11.63
C VAL B 194 -13.40 -16.84 11.36
N GLU B 195 -13.05 -17.70 12.32
CA GLU B 195 -13.20 -19.14 12.13
C GLU B 195 -14.67 -19.51 11.93
N ASP B 196 -15.57 -18.87 12.67
CA ASP B 196 -17.00 -19.10 12.47
C ASP B 196 -17.41 -18.76 11.04
N ALA B 197 -16.92 -17.64 10.52
CA ALA B 197 -17.31 -17.20 9.19
C ALA B 197 -16.84 -18.16 8.11
N LEU B 198 -15.62 -18.69 8.26
CA LEU B 198 -15.12 -19.66 7.29
C LEU B 198 -16.00 -20.90 7.25
N VAL B 199 -16.37 -21.42 8.43
CA VAL B 199 -17.26 -22.57 8.49
C VAL B 199 -18.60 -22.24 7.84
N SER B 200 -19.14 -21.06 8.13
CA SER B 200 -20.40 -20.65 7.52
C SER B 200 -20.27 -20.51 6.01
N LEU B 201 -19.11 -20.09 5.52
CA LEU B 201 -18.91 -20.01 4.08
C LEU B 201 -18.82 -21.40 3.45
N LYS B 202 -18.04 -22.29 4.06
CA LYS B 202 -17.80 -23.60 3.46
C LYS B 202 -19.00 -24.53 3.58
N THR B 203 -19.97 -24.21 4.45
CA THR B 203 -21.14 -25.05 4.63
C THR B 203 -22.40 -24.44 4.03
N GLY B 204 -22.27 -23.38 3.23
CA GLY B 204 -23.40 -22.81 2.53
C GLY B 204 -24.32 -21.93 3.35
N LYS B 205 -24.00 -21.70 4.62
CA LYS B 205 -24.82 -20.82 5.45
C LYS B 205 -24.55 -19.34 5.19
N LEU B 206 -23.46 -19.01 4.52
CA LEU B 206 -23.08 -17.63 4.25
C LEU B 206 -22.51 -17.55 2.84
N ASP B 207 -22.78 -16.44 2.16
CA ASP B 207 -22.32 -16.26 0.79
C ASP B 207 -21.03 -15.45 0.69
N ALA B 208 -20.80 -14.50 1.58
CA ALA B 208 -19.59 -13.70 1.54
C ALA B 208 -19.21 -13.27 2.95
N PHE B 209 -17.90 -13.12 3.16
CA PHE B 209 -17.34 -12.65 4.42
C PHE B 209 -16.48 -11.43 4.12
N ILE B 210 -16.80 -10.31 4.75
CA ILE B 210 -16.16 -9.02 4.51
C ILE B 210 -15.28 -8.69 5.71
N TYR B 211 -13.97 -8.56 5.49
CA TYR B 211 -13.04 -8.46 6.60
C TYR B 211 -11.70 -7.94 6.12
N ASP B 212 -10.75 -7.90 7.05
CA ASP B 212 -9.35 -7.54 6.81
C ASP B 212 -8.79 -8.32 5.63
N ALA B 213 -8.23 -7.58 4.66
CA ALA B 213 -7.74 -8.23 3.45
C ALA B 213 -6.56 -9.15 3.75
N ALA B 214 -5.64 -8.71 4.61
CA ALA B 214 -4.48 -9.53 4.93
C ALA B 214 -4.90 -10.82 5.63
N VAL B 215 -5.89 -10.74 6.53
CA VAL B 215 -6.39 -11.92 7.21
C VAL B 215 -7.09 -12.85 6.21
N LEU B 216 -7.89 -12.28 5.31
CA LEU B 216 -8.63 -13.10 4.36
C LEU B 216 -7.70 -13.77 3.35
N ASN B 217 -6.67 -13.05 2.89
CA ASN B 217 -5.73 -13.65 1.95
C ASN B 217 -4.98 -14.80 2.61
N TYR B 218 -4.59 -14.64 3.87
CA TYR B 218 -3.90 -15.71 4.59
C TYR B 218 -4.79 -16.94 4.72
N LYS B 219 -6.05 -16.73 5.12
CA LYS B 219 -6.96 -17.86 5.29
C LYS B 219 -7.24 -18.56 3.96
N ALA B 220 -7.43 -17.78 2.89
CA ALA B 220 -7.69 -18.38 1.59
C ALA B 220 -6.48 -19.16 1.08
N GLY B 221 -5.27 -18.71 1.40
CA GLY B 221 -4.08 -19.38 0.92
C GLY B 221 -3.89 -20.77 1.51
N ARG B 222 -4.42 -21.01 2.70
CA ARG B 222 -4.26 -22.28 3.38
C ARG B 222 -5.57 -23.04 3.54
N ASP B 223 -6.66 -22.55 2.95
CA ASP B 223 -7.94 -23.24 3.07
C ASP B 223 -7.86 -24.60 2.40
N GLU B 224 -8.53 -25.56 3.01
CA GLU B 224 -8.37 -26.96 2.61
C GLU B 224 -9.35 -27.30 1.49
N GLY B 225 -8.83 -27.92 0.44
CA GLY B 225 -9.52 -27.92 -0.82
C GLY B 225 -9.46 -26.61 -1.57
N CYS B 226 -8.98 -25.55 -0.93
CA CYS B 226 -8.86 -24.23 -1.55
C CYS B 226 -10.20 -23.77 -2.09
N LYS B 227 -11.26 -23.99 -1.32
CA LYS B 227 -12.61 -23.64 -1.76
C LYS B 227 -12.89 -22.15 -1.58
N LEU B 228 -12.28 -21.52 -0.58
CA LEU B 228 -12.51 -20.12 -0.28
C LEU B 228 -11.51 -19.25 -1.04
N VAL B 229 -12.00 -18.18 -1.66
CA VAL B 229 -11.17 -17.27 -2.45
C VAL B 229 -11.52 -15.84 -2.08
N THR B 230 -10.59 -14.94 -2.38
CA THR B 230 -10.77 -13.52 -2.17
C THR B 230 -10.75 -12.79 -3.51
N ILE B 231 -11.27 -11.56 -3.49
CA ILE B 231 -11.22 -10.74 -4.69
C ILE B 231 -9.78 -10.36 -5.00
N GLY B 232 -9.57 -9.86 -6.22
CA GLY B 232 -8.26 -9.38 -6.60
C GLY B 232 -7.84 -8.17 -5.77
N SER B 233 -6.52 -8.00 -5.68
CA SER B 233 -5.97 -6.92 -4.86
C SER B 233 -6.39 -5.55 -5.36
N GLY B 234 -6.75 -5.42 -6.64
CA GLY B 234 -7.16 -4.13 -7.17
C GLY B 234 -8.52 -3.67 -6.71
N TYR B 235 -9.35 -4.57 -6.17
CA TYR B 235 -10.68 -4.24 -5.71
C TYR B 235 -10.79 -4.17 -4.20
N ILE B 236 -9.67 -4.23 -3.49
CA ILE B 236 -9.69 -4.01 -2.04
C ILE B 236 -10.17 -2.59 -1.77
N PHE B 237 -11.11 -2.46 -0.83
CA PHE B 237 -11.70 -1.17 -0.51
C PHE B 237 -10.94 -0.51 0.63
N ALA B 238 -10.75 0.80 0.51
CA ALA B 238 -10.04 1.60 1.52
C ALA B 238 -8.66 1.03 1.79
N THR B 239 -7.87 0.89 0.74
CA THR B 239 -6.54 0.29 0.84
C THR B 239 -5.69 1.04 1.86
N THR B 240 -5.09 0.29 2.78
CA THR B 240 -4.18 0.82 3.78
C THR B 240 -3.15 -0.26 4.09
N GLY B 241 -2.57 -0.23 5.28
CA GLY B 241 -1.64 -1.29 5.62
C GLY B 241 -1.42 -1.39 7.11
N TYR B 242 -0.82 -2.51 7.50
CA TYR B 242 -0.29 -2.64 8.85
C TYR B 242 0.94 -1.75 8.99
N GLY B 243 1.04 -1.07 10.12
CA GLY B 243 2.17 -0.19 10.36
C GLY B 243 2.61 -0.25 11.81
N ILE B 244 3.86 0.11 12.03
CA ILE B 244 4.38 0.26 13.38
C ILE B 244 3.89 1.58 13.94
N ALA B 245 3.26 1.53 15.13
CA ALA B 245 2.81 2.73 15.81
C ALA B 245 3.89 3.22 16.75
N LEU B 246 4.10 4.54 16.75
CA LEU B 246 5.06 5.18 17.63
C LEU B 246 4.41 6.41 18.25
N GLN B 247 5.00 6.87 19.35
CA GLN B 247 4.53 8.11 19.97
C GLN B 247 4.69 9.27 19.01
N LYS B 248 3.79 10.24 19.12
CA LYS B 248 3.83 11.42 18.26
C LYS B 248 5.19 12.11 18.37
N GLY B 249 5.78 12.41 17.22
CA GLY B 249 7.10 13.01 17.19
C GLY B 249 8.21 12.08 17.66
N SER B 250 8.03 10.78 17.47
CA SER B 250 9.04 9.83 17.91
C SER B 250 10.36 10.06 17.16
N PRO B 251 11.49 10.00 17.86
CA PRO B 251 12.78 10.07 17.16
C PRO B 251 13.19 8.76 16.50
N TRP B 252 12.40 7.70 16.66
CA TRP B 252 12.67 6.42 16.02
C TRP B 252 11.97 6.25 14.68
N LYS B 253 11.07 7.17 14.32
CA LYS B 253 10.21 6.96 13.16
C LYS B 253 11.01 6.94 11.86
N ARG B 254 11.93 7.89 11.70
CA ARG B 254 12.64 8.02 10.42
C ARG B 254 13.47 6.77 10.12
N GLN B 255 14.30 6.33 11.07
CA GLN B 255 15.14 5.17 10.82
C GLN B 255 14.33 3.89 10.69
N ILE B 256 13.20 3.80 11.40
CA ILE B 256 12.31 2.65 11.24
C ILE B 256 11.69 2.66 9.85
N ASP B 257 11.28 3.84 9.38
CA ASP B 257 10.76 3.96 8.03
C ASP B 257 11.79 3.52 7.00
N LEU B 258 13.03 4.01 7.13
CA LEU B 258 14.07 3.67 6.18
C LEU B 258 14.40 2.19 6.22
N ALA B 259 14.39 1.59 7.42
CA ALA B 259 14.67 0.17 7.54
C ALA B 259 13.57 -0.67 6.90
N LEU B 260 12.31 -0.30 7.12
CA LEU B 260 11.21 -1.04 6.51
C LEU B 260 11.25 -0.95 5.00
N LEU B 261 11.47 0.26 4.47
CA LEU B 261 11.59 0.42 3.03
C LEU B 261 12.78 -0.35 2.48
N GLN B 262 13.86 -0.47 3.27
CA GLN B 262 14.98 -1.31 2.88
C GLN B 262 14.56 -2.77 2.82
N PHE B 263 13.83 -3.24 3.82
CA PHE B 263 13.37 -4.63 3.84
C PHE B 263 12.48 -4.92 2.64
N VAL B 264 11.66 -3.95 2.24
CA VAL B 264 10.79 -4.14 1.09
C VAL B 264 11.60 -4.25 -0.20
N GLY B 265 12.59 -3.37 -0.36
CA GLY B 265 13.30 -3.31 -1.62
C GLY B 265 14.33 -4.40 -1.82
N ASP B 266 14.90 -4.93 -0.74
CA ASP B 266 16.01 -5.86 -0.85
C ASP B 266 15.59 -7.32 -0.77
N GLY B 267 14.28 -7.60 -0.75
CA GLY B 267 13.78 -8.96 -0.75
C GLY B 267 13.56 -9.57 0.62
N GLU B 268 14.00 -8.91 1.70
CA GLU B 268 13.77 -9.45 3.03
C GLU B 268 12.30 -9.54 3.35
N MET B 269 11.52 -8.56 2.91
CA MET B 269 10.08 -8.56 3.21
C MET B 269 9.37 -9.71 2.51
N GLU B 270 9.69 -9.95 1.24
CA GLU B 270 9.06 -11.05 0.50
C GLU B 270 9.41 -12.39 1.12
N GLU B 271 10.61 -12.53 1.68
CA GLU B 271 10.99 -13.79 2.33
C GLU B 271 10.13 -14.04 3.56
N LEU B 272 9.85 -12.99 4.35
CA LEU B 272 8.97 -13.16 5.50
C LEU B 272 7.55 -13.48 5.06
N GLU B 273 7.10 -12.89 3.95
CA GLU B 273 5.79 -13.23 3.42
C GLU B 273 5.74 -14.69 2.99
N THR B 274 6.78 -15.16 2.30
CA THR B 274 6.87 -16.58 1.96
C THR B 274 6.90 -17.44 3.21
N LEU B 275 7.61 -16.99 4.25
CA LEU B 275 7.79 -17.80 5.45
C LEU B 275 6.49 -17.90 6.25
N TRP B 276 5.71 -16.82 6.31
CA TRP B 276 4.57 -16.77 7.21
C TRP B 276 3.22 -16.62 6.51
N LEU B 277 3.16 -16.05 5.32
CA LEU B 277 1.88 -15.60 4.76
C LEU B 277 1.42 -16.38 3.54
N THR B 278 2.32 -16.78 2.64
CA THR B 278 1.91 -17.44 1.41
C THR B 278 1.52 -18.89 1.68
N GLY B 279 0.41 -19.31 1.08
CA GLY B 279 -0.13 -20.64 1.27
C GLY B 279 -0.15 -21.47 0.00
N ILE B 280 -0.68 -22.68 0.14
CA ILE B 280 -0.76 -23.60 -1.00
C ILE B 280 -1.66 -23.03 -2.09
N CYS B 281 -2.82 -22.53 -1.70
CA CYS B 281 -3.81 -22.05 -2.64
C CYS B 281 -3.35 -20.75 -3.31
N HIS B 282 -3.77 -20.58 -4.56
CA HIS B 282 -3.43 -19.35 -5.30
C HIS B 282 -4.56 -19.08 -6.31
N ASN B 283 -5.66 -18.53 -5.78
CA ASN B 283 -6.84 -18.06 -6.52
C ASN B 283 -6.84 -18.27 -8.03
#